data_8WAI
#
_entry.id   8WAI
#
_cell.length_a   60.960
_cell.length_b   82.161
_cell.length_c   145.065
_cell.angle_alpha   90.000
_cell.angle_beta   90.000
_cell.angle_gamma   90.000
#
_symmetry.space_group_name_H-M   'P 21 21 21'
#
loop_
_entity.id
_entity.type
_entity.pdbx_description
1 polymer RvY_06210
2 non-polymer 'ZINC ION'
3 non-polymer 1,2-ETHANEDIOL
4 water water
#
_entity_poly.entity_id   1
_entity_poly.type   'polypeptide(L)'
_entity_poly.pdbx_seq_one_letter_code
;MGSSHHHHHHENLQFQGGGNRGMSRNQDAYAEKMDMTLDALNFLLGVEHLASAFYVQAVNNFTADDFKAAGLAQRDYDQF
VGVRNNEVDHRDTLISVIKSLGGKPNPPCKYTFPVTDVASVLKVSRTLENADKPAYLGALRDIKSVELRTSVQGALSGDS
AHAAFFAYLTGKAPAPGPVDGPLTQRHIATLAQDFIVSCPYPAPKPFPKLTLSPQSGPVGTVVATTCAQDVDTNGVMCAI
ISGNQGTLMQRPGQAKDGSGAATCTIPPGVKGILFIAWVRGRDVLNVGVDDSSTVCGPNYFLLSALGDAVPGV
;
_entity_poly.pdbx_strand_id   A,B
#
loop_
_chem_comp.id
_chem_comp.type
_chem_comp.name
_chem_comp.formula
EDO non-polymer 1,2-ETHANEDIOL 'C2 H6 O2'
ZN non-polymer 'ZINC ION' 'Zn 2'
#
# COMPACT_ATOMS: atom_id res chain seq x y z
N MET A 34 -2.38 -22.52 18.56
CA MET A 34 -3.13 -21.33 18.93
C MET A 34 -2.48 -20.04 18.41
N ASP A 35 -1.16 -19.91 18.56
CA ASP A 35 -0.42 -18.84 17.91
C ASP A 35 -0.25 -19.26 16.45
N MET A 36 -0.98 -18.58 15.55
N MET A 36 -0.97 -18.57 15.56
CA MET A 36 -0.99 -18.93 14.13
CA MET A 36 -1.00 -18.91 14.14
C MET A 36 0.00 -18.11 13.32
C MET A 36 0.02 -18.14 13.32
N THR A 37 1.02 -17.53 13.97
CA THR A 37 1.98 -16.69 13.26
C THR A 37 2.73 -17.47 12.18
N LEU A 38 3.26 -18.64 12.53
CA LEU A 38 4.01 -19.42 11.54
C LEU A 38 3.11 -19.87 10.40
N ASP A 39 1.88 -20.28 10.72
CA ASP A 39 0.94 -20.67 9.67
C ASP A 39 0.72 -19.51 8.71
N ALA A 40 0.54 -18.30 9.25
CA ALA A 40 0.31 -17.13 8.39
C ALA A 40 1.54 -16.79 7.56
N LEU A 41 2.73 -16.83 8.16
CA LEU A 41 3.94 -16.49 7.43
C LEU A 41 4.22 -17.47 6.31
N ASN A 42 4.02 -18.78 6.57
CA ASN A 42 4.28 -19.76 5.53
C ASN A 42 3.26 -19.65 4.41
N PHE A 43 2.03 -19.26 4.74
CA PHE A 43 1.05 -18.99 3.69
C PHE A 43 1.50 -17.81 2.83
N LEU A 44 1.95 -16.72 3.47
CA LEU A 44 2.45 -15.59 2.69
C LEU A 44 3.67 -15.99 1.89
N LEU A 45 4.50 -16.89 2.41
CA LEU A 45 5.65 -17.34 1.66
C LEU A 45 5.23 -18.08 0.40
N GLY A 46 4.18 -18.90 0.49
CA GLY A 46 3.62 -19.49 -0.71
C GLY A 46 3.19 -18.44 -1.72
N VAL A 47 2.53 -17.38 -1.25
CA VAL A 47 2.11 -16.29 -2.14
C VAL A 47 3.32 -15.66 -2.81
N GLU A 48 4.39 -15.43 -2.05
CA GLU A 48 5.53 -14.72 -2.60
C GLU A 48 6.47 -15.61 -3.40
N HIS A 49 6.49 -16.92 -3.13
CA HIS A 49 7.18 -17.83 -4.04
C HIS A 49 6.57 -17.75 -5.43
N LEU A 50 5.23 -17.71 -5.50
CA LEU A 50 4.54 -17.64 -6.78
C LEU A 50 4.83 -16.32 -7.48
N ALA A 51 4.64 -15.21 -6.77
CA ALA A 51 4.86 -13.91 -7.38
C ALA A 51 6.31 -13.72 -7.80
N SER A 52 7.24 -14.04 -6.91
CA SER A 52 8.65 -13.88 -7.29
C SER A 52 9.02 -14.76 -8.48
N ALA A 53 8.50 -15.99 -8.54
CA ALA A 53 8.78 -16.83 -9.69
C ALA A 53 8.26 -16.20 -10.98
N PHE A 54 7.06 -15.62 -10.93
CA PHE A 54 6.51 -14.98 -12.13
C PHE A 54 7.42 -13.84 -12.59
N TYR A 55 7.79 -12.94 -11.68
CA TYR A 55 8.56 -11.76 -12.10
C TYR A 55 9.97 -12.15 -12.54
N VAL A 56 10.57 -13.15 -11.88
CA VAL A 56 11.89 -13.61 -12.32
C VAL A 56 11.82 -14.10 -13.76
N GLN A 57 10.85 -14.95 -14.08
N GLN A 57 10.85 -14.96 -14.07
CA GLN A 57 10.79 -15.46 -15.44
CA GLN A 57 10.74 -15.48 -15.43
C GLN A 57 10.36 -14.38 -16.43
C GLN A 57 10.40 -14.35 -16.41
N ALA A 58 9.52 -13.43 -16.02
CA ALA A 58 9.12 -12.37 -16.93
C ALA A 58 10.32 -11.50 -17.33
N VAL A 59 11.16 -11.13 -16.37
CA VAL A 59 12.34 -10.35 -16.69
C VAL A 59 13.30 -11.13 -17.60
N ASN A 60 13.41 -12.45 -17.38
CA ASN A 60 14.25 -13.27 -18.27
C ASN A 60 13.74 -13.28 -19.69
N ASN A 61 12.44 -13.14 -19.89
CA ASN A 61 11.84 -13.31 -21.20
C ASN A 61 11.53 -12.02 -21.94
N PHE A 62 11.53 -10.87 -21.26
CA PHE A 62 11.18 -9.61 -21.91
C PHE A 62 12.24 -8.57 -21.61
N THR A 63 12.46 -7.68 -22.58
CA THR A 63 13.47 -6.63 -22.48
C THR A 63 12.81 -5.26 -22.52
N ALA A 64 13.62 -4.23 -22.24
CA ALA A 64 13.12 -2.87 -22.37
C ALA A 64 12.64 -2.57 -23.79
N ASP A 65 13.33 -3.11 -24.80
CA ASP A 65 12.87 -2.92 -26.17
C ASP A 65 11.48 -3.52 -26.39
N ASP A 66 11.20 -4.70 -25.79
CA ASP A 66 9.85 -5.24 -25.89
C ASP A 66 8.83 -4.30 -25.26
N PHE A 67 9.16 -3.74 -24.09
CA PHE A 67 8.23 -2.81 -23.45
C PHE A 67 8.01 -1.58 -24.33
N LYS A 68 9.10 -1.04 -24.90
CA LYS A 68 8.97 0.14 -25.75
C LYS A 68 8.14 -0.14 -26.99
N ALA A 69 8.29 -1.34 -27.56
CA ALA A 69 7.50 -1.70 -28.73
C ALA A 69 6.02 -1.79 -28.39
N ALA A 70 5.69 -2.05 -27.13
CA ALA A 70 4.32 -2.08 -26.65
C ALA A 70 3.81 -0.71 -26.20
N GLY A 71 4.58 0.35 -26.43
CA GLY A 71 4.15 1.69 -26.15
C GLY A 71 4.60 2.22 -24.80
N LEU A 72 5.41 1.48 -24.07
CA LEU A 72 5.85 1.86 -22.74
C LEU A 72 7.21 2.54 -22.82
N ALA A 73 7.70 3.00 -21.68
CA ALA A 73 8.94 3.75 -21.59
C ALA A 73 9.99 2.95 -20.84
N GLN A 74 11.25 3.40 -20.95
CA GLN A 74 12.34 2.75 -20.24
C GLN A 74 12.04 2.66 -18.74
N ARG A 75 11.47 3.73 -18.16
CA ARG A 75 11.22 3.74 -16.72
C ARG A 75 10.19 2.69 -16.31
N ASP A 76 9.31 2.29 -17.23
CA ASP A 76 8.34 1.24 -16.93
C ASP A 76 9.03 -0.11 -16.88
N TYR A 77 9.96 -0.38 -17.81
CA TYR A 77 10.74 -1.60 -17.72
C TYR A 77 11.61 -1.59 -16.46
N ASP A 78 12.23 -0.44 -16.15
CA ASP A 78 13.05 -0.36 -14.95
C ASP A 78 12.21 -0.67 -13.71
N GLN A 79 11.02 -0.06 -13.60
CA GLN A 79 10.17 -0.35 -12.45
C GLN A 79 9.78 -1.83 -12.44
N PHE A 80 9.58 -2.42 -13.61
CA PHE A 80 9.24 -3.85 -13.66
C PHE A 80 10.35 -4.70 -13.05
N VAL A 81 11.60 -4.39 -13.39
CA VAL A 81 12.73 -5.08 -12.74
C VAL A 81 12.74 -4.81 -11.24
N GLY A 82 12.41 -3.57 -10.87
CA GLY A 82 12.28 -3.22 -9.46
C GLY A 82 11.23 -4.04 -8.75
N VAL A 83 10.10 -4.32 -9.42
CA VAL A 83 9.07 -5.18 -8.83
C VAL A 83 9.61 -6.58 -8.62
N ARG A 84 10.31 -7.12 -9.61
CA ARG A 84 10.97 -8.42 -9.43
C ARG A 84 11.86 -8.40 -8.19
N ASN A 85 12.70 -7.36 -8.09
CA ASN A 85 13.62 -7.29 -6.97
C ASN A 85 12.87 -7.16 -5.65
N ASN A 86 11.80 -6.36 -5.63
CA ASN A 86 11.02 -6.20 -4.42
C ASN A 86 10.36 -7.50 -3.99
N GLU A 87 9.84 -8.27 -4.95
CA GLU A 87 9.14 -9.52 -4.60
C GLU A 87 10.13 -10.60 -4.17
N VAL A 88 11.29 -10.66 -4.80
N VAL A 88 11.33 -10.63 -4.75
CA VAL A 88 12.37 -11.52 -4.32
CA VAL A 88 12.32 -11.58 -4.25
C VAL A 88 12.69 -11.18 -2.86
C VAL A 88 12.80 -11.18 -2.86
N ASP A 89 12.78 -9.88 -2.54
CA ASP A 89 13.00 -9.45 -1.16
C ASP A 89 11.84 -9.90 -0.25
N HIS A 90 10.60 -9.72 -0.69
CA HIS A 90 9.46 -10.15 0.13
C HIS A 90 9.53 -11.63 0.44
N ARG A 91 9.88 -12.44 -0.56
CA ARG A 91 10.06 -13.87 -0.36
C ARG A 91 11.20 -14.16 0.62
N ASP A 92 12.38 -13.57 0.38
CA ASP A 92 13.54 -13.90 1.20
C ASP A 92 13.35 -13.47 2.64
N THR A 93 12.70 -12.34 2.86
CA THR A 93 12.43 -11.87 4.21
C THR A 93 11.52 -12.83 4.95
N LEU A 94 10.47 -13.35 4.29
CA LEU A 94 9.61 -14.33 4.92
C LEU A 94 10.38 -15.59 5.29
N ILE A 95 11.26 -16.06 4.39
CA ILE A 95 12.07 -17.23 4.70
C ILE A 95 12.90 -16.98 5.96
N SER A 96 13.59 -15.84 6.02
N SER A 96 13.58 -15.84 6.04
CA SER A 96 14.44 -15.55 7.16
CA SER A 96 14.45 -15.60 7.19
C SER A 96 13.63 -15.49 8.45
C SER A 96 13.67 -15.44 8.48
N VAL A 97 12.49 -14.79 8.43
CA VAL A 97 11.68 -14.64 9.63
C VAL A 97 11.17 -16.01 10.10
N ILE A 98 10.73 -16.84 9.16
CA ILE A 98 10.23 -18.16 9.52
C ILE A 98 11.33 -18.97 10.21
N LYS A 99 12.55 -18.94 9.67
CA LYS A 99 13.65 -19.67 10.30
C LYS A 99 13.95 -19.11 11.68
N SER A 100 13.93 -17.78 11.82
CA SER A 100 14.19 -17.16 13.12
C SER A 100 13.19 -17.58 14.18
N LEU A 101 12.00 -17.99 13.77
CA LEU A 101 10.96 -18.45 14.68
C LEU A 101 10.98 -19.95 14.88
N GLY A 102 11.96 -20.63 14.31
CA GLY A 102 12.07 -22.07 14.47
C GLY A 102 11.26 -22.88 13.49
N GLY A 103 10.62 -22.24 12.50
CA GLY A 103 9.81 -22.96 11.54
C GLY A 103 10.60 -23.43 10.34
N LYS A 104 9.94 -24.28 9.54
CA LYS A 104 10.53 -24.79 8.31
C LYS A 104 9.83 -24.05 7.17
N PRO A 105 10.55 -23.22 6.40
CA PRO A 105 9.88 -22.47 5.33
C PRO A 105 9.41 -23.38 4.20
N ASN A 106 8.20 -23.12 3.73
CA ASN A 106 7.66 -23.81 2.55
C ASN A 106 8.61 -23.63 1.36
N PRO A 107 8.80 -24.66 0.56
CA PRO A 107 9.52 -24.51 -0.69
C PRO A 107 8.57 -23.98 -1.75
N PRO A 108 9.09 -23.61 -2.93
CA PRO A 108 8.19 -23.21 -4.01
C PRO A 108 7.31 -24.37 -4.46
N CYS A 109 6.17 -24.00 -5.02
CA CYS A 109 5.33 -24.94 -5.75
C CYS A 109 5.81 -24.98 -7.19
N LYS A 110 5.11 -25.73 -8.05
CA LYS A 110 5.41 -25.79 -9.46
C LYS A 110 4.36 -24.96 -10.18
N TYR A 111 4.79 -24.03 -11.04
CA TYR A 111 3.89 -23.03 -11.59
C TYR A 111 3.78 -23.14 -13.10
N THR A 112 2.72 -22.53 -13.63
CA THR A 112 2.53 -22.36 -15.07
C THR A 112 2.18 -20.91 -15.33
N PHE A 113 3.05 -20.24 -16.09
N PHE A 113 3.06 -20.22 -16.01
CA PHE A 113 2.88 -18.85 -16.50
CA PHE A 113 2.72 -18.86 -16.32
C PHE A 113 3.11 -18.83 -18.01
C PHE A 113 2.59 -18.69 -17.83
N PRO A 114 2.07 -18.97 -18.81
N PRO A 114 1.60 -17.92 -18.27
CA PRO A 114 2.23 -18.92 -20.27
CA PRO A 114 1.51 -17.64 -19.71
C PRO A 114 2.82 -17.59 -20.70
C PRO A 114 2.67 -16.75 -20.15
N VAL A 115 3.81 -17.64 -21.58
N VAL A 115 3.27 -17.13 -21.28
CA VAL A 115 4.57 -16.45 -21.97
CA VAL A 115 4.40 -16.38 -21.83
C VAL A 115 4.17 -16.09 -23.39
C VAL A 115 4.07 -16.11 -23.30
N THR A 116 3.55 -14.92 -23.56
CA THR A 116 3.17 -14.47 -24.90
C THR A 116 3.73 -13.07 -25.16
N ASP A 117 3.03 -12.03 -24.71
CA ASP A 117 3.42 -10.67 -25.05
C ASP A 117 3.41 -9.78 -23.80
N VAL A 118 3.80 -8.52 -24.00
CA VAL A 118 3.89 -7.57 -22.88
C VAL A 118 2.52 -7.31 -22.27
N ALA A 119 1.48 -7.21 -23.10
CA ALA A 119 0.14 -7.01 -22.56
C ALA A 119 -0.22 -8.10 -21.56
N SER A 120 0.13 -9.35 -21.85
CA SER A 120 -0.17 -10.42 -20.91
C SER A 120 0.68 -10.31 -19.66
N VAL A 121 1.96 -9.95 -19.79
CA VAL A 121 2.79 -9.74 -18.60
C VAL A 121 2.14 -8.74 -17.67
N LEU A 122 1.67 -7.62 -18.23
CA LEU A 122 1.09 -6.57 -17.40
C LEU A 122 -0.21 -7.04 -16.76
N LYS A 123 -1.03 -7.80 -17.49
CA LYS A 123 -2.30 -8.26 -16.92
C LYS A 123 -2.07 -9.27 -15.81
N VAL A 124 -1.14 -10.22 -16.01
CA VAL A 124 -0.84 -11.17 -14.94
C VAL A 124 -0.26 -10.44 -13.74
N SER A 125 0.62 -9.47 -13.98
CA SER A 125 1.20 -8.69 -12.88
C SER A 125 0.11 -8.01 -12.07
N ARG A 126 -0.81 -7.32 -12.75
CA ARG A 126 -1.93 -6.67 -12.07
C ARG A 126 -2.73 -7.67 -11.25
N THR A 127 -2.96 -8.85 -11.84
CA THR A 127 -3.75 -9.89 -11.18
C THR A 127 -3.07 -10.37 -9.91
N LEU A 128 -1.76 -10.64 -9.99
CA LEU A 128 -1.03 -11.09 -8.81
C LEU A 128 -1.02 -10.03 -7.72
N GLU A 129 -0.77 -8.78 -8.08
CA GLU A 129 -0.68 -7.76 -7.04
C GLU A 129 -2.04 -7.47 -6.42
N ASN A 130 -3.10 -7.51 -7.24
CA ASN A 130 -4.43 -7.31 -6.67
C ASN A 130 -4.82 -8.45 -5.72
N ALA A 131 -4.28 -9.65 -5.93
CA ALA A 131 -4.59 -10.75 -5.04
C ALA A 131 -3.69 -10.76 -3.81
N ASP A 132 -2.47 -10.23 -3.92
N ASP A 132 -2.48 -10.23 -3.93
CA ASP A 132 -1.56 -10.32 -2.78
CA ASP A 132 -1.58 -10.36 -2.79
C ASP A 132 -1.96 -9.39 -1.65
C ASP A 132 -1.89 -9.37 -1.68
N LYS A 133 -2.63 -8.28 -1.97
CA LYS A 133 -3.09 -7.37 -0.92
C LYS A 133 -4.07 -8.03 0.04
N PRO A 134 -5.19 -8.63 -0.41
CA PRO A 134 -6.05 -9.35 0.54
C PRO A 134 -5.36 -10.53 1.20
N ALA A 135 -4.38 -11.12 0.54
CA ALA A 135 -3.59 -12.18 1.17
C ALA A 135 -2.89 -11.66 2.41
N TYR A 136 -2.18 -10.53 2.29
CA TYR A 136 -1.47 -9.95 3.41
C TYR A 136 -2.46 -9.47 4.48
N LEU A 137 -3.56 -8.86 4.05
CA LEU A 137 -4.52 -8.36 5.03
C LEU A 137 -5.12 -9.50 5.85
N GLY A 138 -5.41 -10.62 5.21
CA GLY A 138 -5.91 -11.77 5.94
C GLY A 138 -4.86 -12.34 6.88
N ALA A 139 -3.62 -12.48 6.39
CA ALA A 139 -2.56 -13.06 7.21
C ALA A 139 -2.24 -12.20 8.42
N LEU A 140 -2.36 -10.88 8.28
CA LEU A 140 -2.04 -9.99 9.38
C LEU A 140 -2.96 -10.20 10.57
N ARG A 141 -4.15 -10.78 10.36
CA ARG A 141 -5.03 -11.05 11.49
C ARG A 141 -4.45 -12.10 12.42
N ASP A 142 -3.54 -12.93 11.93
CA ASP A 142 -3.01 -14.07 12.65
C ASP A 142 -1.60 -13.85 13.20
N ILE A 143 -0.98 -12.70 12.91
CA ILE A 143 0.41 -12.45 13.30
C ILE A 143 0.39 -11.77 14.67
N LYS A 144 1.02 -12.41 15.65
CA LYS A 144 0.78 -12.01 17.04
C LYS A 144 1.64 -10.81 17.46
N SER A 145 2.87 -10.73 17.00
CA SER A 145 3.84 -9.76 17.49
C SER A 145 3.65 -8.38 16.84
N VAL A 146 3.72 -7.33 17.66
CA VAL A 146 3.67 -5.97 17.14
C VAL A 146 4.78 -5.72 16.13
N GLU A 147 6.01 -6.14 16.44
CA GLU A 147 7.12 -5.83 15.55
C GLU A 147 7.01 -6.60 14.23
N LEU A 148 6.58 -7.85 14.29
CA LEU A 148 6.37 -8.60 13.05
C LEU A 148 5.22 -8.02 12.23
N ARG A 149 4.14 -7.59 12.88
CA ARG A 149 3.08 -6.93 12.13
C ARG A 149 3.60 -5.70 11.42
N THR A 150 4.49 -4.94 12.07
CA THR A 150 5.01 -3.73 11.41
C THR A 150 5.76 -4.08 10.14
N SER A 151 6.63 -5.10 10.20
N SER A 151 6.60 -5.11 10.19
CA SER A 151 7.38 -5.53 9.03
CA SER A 151 7.38 -5.47 9.00
C SER A 151 6.45 -6.01 7.93
C SER A 151 6.52 -6.10 7.91
N VAL A 152 5.49 -6.86 8.28
CA VAL A 152 4.60 -7.45 7.27
C VAL A 152 3.70 -6.38 6.64
N GLN A 153 3.18 -5.44 7.45
CA GLN A 153 2.42 -4.31 6.92
C GLN A 153 3.27 -3.49 5.96
N GLY A 154 4.57 -3.39 6.25
CA GLY A 154 5.47 -2.65 5.37
C GLY A 154 5.63 -3.28 4.01
N ALA A 155 5.56 -4.60 3.92
CA ALA A 155 5.58 -5.29 2.64
C ALA A 155 4.24 -5.16 1.92
N LEU A 156 3.12 -5.27 2.65
CA LEU A 156 1.81 -5.00 2.07
C LEU A 156 1.77 -3.63 1.41
N SER A 157 2.34 -2.63 2.07
N SER A 157 2.34 -2.62 2.07
CA SER A 157 2.38 -1.30 1.48
CA SER A 157 2.37 -1.30 1.47
C SER A 157 3.14 -1.32 0.15
C SER A 157 3.17 -1.29 0.16
N GLY A 158 4.25 -2.06 0.10
CA GLY A 158 4.99 -2.19 -1.16
C GLY A 158 4.20 -2.87 -2.26
N ASP A 159 3.50 -3.96 -1.93
CA ASP A 159 2.68 -4.64 -2.94
C ASP A 159 1.52 -3.76 -3.39
N SER A 160 1.01 -2.91 -2.52
N SER A 160 1.00 -2.91 -2.51
CA SER A 160 -0.05 -1.99 -2.95
CA SER A 160 -0.04 -1.97 -2.91
C SER A 160 0.49 -0.99 -3.98
C SER A 160 0.49 -1.00 -3.97
N ALA A 161 1.73 -0.53 -3.79
CA ALA A 161 2.36 0.31 -4.79
C ALA A 161 2.55 -0.44 -6.10
N HIS A 162 2.98 -1.71 -6.05
CA HIS A 162 3.06 -2.51 -7.27
C HIS A 162 1.71 -2.56 -7.97
N ALA A 163 0.64 -2.84 -7.21
CA ALA A 163 -0.68 -2.94 -7.81
C ALA A 163 -1.06 -1.63 -8.49
N ALA A 164 -0.74 -0.49 -7.87
CA ALA A 164 -1.09 0.80 -8.45
C ALA A 164 -0.37 1.01 -9.77
N PHE A 165 0.91 0.61 -9.83
CA PHE A 165 1.70 0.73 -11.04
C PHE A 165 1.10 -0.09 -12.17
N PHE A 166 0.75 -1.35 -11.90
CA PHE A 166 0.21 -2.17 -12.98
C PHE A 166 -1.20 -1.77 -13.36
N ALA A 167 -1.99 -1.27 -12.41
CA ALA A 167 -3.28 -0.69 -12.77
C ALA A 167 -3.09 0.45 -13.77
N TYR A 168 -2.21 1.40 -13.44
CA TYR A 168 -2.04 2.55 -14.32
C TYR A 168 -1.59 2.12 -15.71
N LEU A 169 -0.63 1.20 -15.80
CA LEU A 169 -0.13 0.80 -17.11
C LEU A 169 -1.17 0.04 -17.92
N THR A 170 -2.18 -0.54 -17.27
CA THR A 170 -3.24 -1.23 -18.00
C THR A 170 -4.53 -0.41 -18.09
N GLY A 171 -4.47 0.88 -17.80
CA GLY A 171 -5.65 1.71 -18.00
C GLY A 171 -6.69 1.65 -16.91
N LYS A 172 -6.33 1.14 -15.72
CA LYS A 172 -7.25 1.11 -14.59
C LYS A 172 -6.82 2.15 -13.56
N ALA A 173 -7.77 2.63 -12.79
CA ALA A 173 -7.43 3.61 -11.75
C ALA A 173 -6.40 3.00 -10.80
N PRO A 174 -5.28 3.69 -10.54
CA PRO A 174 -4.32 3.13 -9.57
C PRO A 174 -4.87 3.07 -8.15
N ALA A 175 -5.79 3.94 -7.78
CA ALA A 175 -6.37 3.96 -6.43
C ALA A 175 -7.88 4.03 -6.55
N PRO A 176 -8.54 2.90 -6.84
CA PRO A 176 -9.97 2.94 -7.17
C PRO A 176 -10.89 3.10 -5.98
N GLY A 177 -10.38 2.99 -4.75
CA GLY A 177 -11.22 3.17 -3.60
C GLY A 177 -10.38 3.45 -2.36
N PRO A 178 -11.06 3.72 -1.24
CA PRO A 178 -10.36 4.10 0.00
C PRO A 178 -9.78 2.93 0.79
N VAL A 179 -10.38 1.74 0.73
CA VAL A 179 -10.01 0.67 1.66
C VAL A 179 -9.89 -0.65 0.91
N ASP A 180 -8.74 -1.32 1.04
CA ASP A 180 -8.62 -2.69 0.58
C ASP A 180 -8.97 -3.64 1.71
N GLY A 181 -9.68 -4.74 1.38
CA GLY A 181 -10.12 -5.67 2.39
C GLY A 181 -9.42 -7.03 2.31
N PRO A 182 -9.64 -7.86 3.32
CA PRO A 182 -9.00 -9.17 3.38
C PRO A 182 -9.77 -10.26 2.65
N LEU A 183 -9.06 -11.36 2.41
CA LEU A 183 -9.66 -12.64 2.01
C LEU A 183 -8.95 -13.74 2.79
N THR A 184 -9.58 -14.93 2.83
CA THR A 184 -8.96 -16.01 3.57
C THR A 184 -7.88 -16.71 2.74
N GLN A 185 -7.11 -17.59 3.40
CA GLN A 185 -6.07 -18.33 2.70
C GLN A 185 -6.65 -19.13 1.54
N ARG A 186 -7.76 -19.83 1.78
CA ARG A 186 -8.32 -20.63 0.70
C ARG A 186 -8.92 -19.76 -0.40
N HIS A 187 -9.46 -18.58 -0.05
CA HIS A 187 -9.87 -17.63 -1.08
C HIS A 187 -8.70 -17.24 -1.98
N ILE A 188 -7.55 -16.95 -1.37
CA ILE A 188 -6.36 -16.60 -2.14
C ILE A 188 -5.94 -17.76 -3.01
N ALA A 189 -5.98 -18.98 -2.47
CA ALA A 189 -5.66 -20.16 -3.28
C ALA A 189 -6.60 -20.28 -4.47
N THR A 190 -7.87 -19.91 -4.30
CA THR A 190 -8.83 -19.93 -5.41
C THR A 190 -8.43 -18.95 -6.50
N LEU A 191 -7.98 -17.75 -6.12
CA LEU A 191 -7.55 -16.77 -7.12
C LEU A 191 -6.30 -17.22 -7.85
N ALA A 192 -5.44 -17.97 -7.17
CA ALA A 192 -4.14 -18.36 -7.70
C ALA A 192 -4.16 -19.65 -8.50
N GLN A 193 -5.28 -20.37 -8.52
CA GLN A 193 -5.21 -21.78 -8.89
C GLN A 193 -4.75 -22.01 -10.33
N ASP A 194 -5.08 -21.10 -11.26
CA ASP A 194 -4.71 -21.32 -12.64
C ASP A 194 -3.20 -21.25 -12.86
N PHE A 195 -2.46 -20.69 -11.91
CA PHE A 195 -1.01 -20.60 -12.01
C PHE A 195 -0.28 -21.75 -11.33
N ILE A 196 -0.99 -22.64 -10.63
CA ILE A 196 -0.35 -23.66 -9.81
C ILE A 196 -0.51 -25.01 -10.52
N VAL A 197 0.62 -25.67 -10.80
CA VAL A 197 0.56 -27.04 -11.33
C VAL A 197 0.39 -28.04 -10.21
N SER A 198 1.21 -27.91 -9.15
CA SER A 198 1.22 -28.81 -8.01
C SER A 198 2.06 -28.17 -6.92
N CYS A 199 1.87 -28.65 -5.68
CA CYS A 199 2.73 -28.27 -4.57
C CYS A 199 3.29 -29.51 -3.91
N PRO A 200 4.55 -29.47 -3.49
CA PRO A 200 5.17 -30.64 -2.85
C PRO A 200 4.88 -30.79 -1.37
N TYR A 201 4.01 -29.95 -0.82
CA TYR A 201 3.56 -30.02 0.56
C TYR A 201 2.06 -29.77 0.53
N PRO A 202 1.34 -30.08 1.62
CA PRO A 202 -0.10 -29.81 1.64
C PRO A 202 -0.40 -28.32 1.73
N ALA A 203 -0.90 -27.74 0.65
CA ALA A 203 -1.22 -26.33 0.54
C ALA A 203 -2.72 -26.09 0.70
N PRO A 204 -3.13 -24.87 1.04
CA PRO A 204 -4.57 -24.57 1.13
C PRO A 204 -5.28 -24.89 -0.16
N LYS A 205 -6.37 -25.65 -0.05
CA LYS A 205 -7.05 -26.13 -1.24
C LYS A 205 -7.97 -25.05 -1.81
N PRO A 206 -7.92 -24.78 -3.10
CA PRO A 206 -8.81 -23.77 -3.66
C PRO A 206 -10.26 -24.23 -3.65
N PHE A 207 -11.16 -23.25 -3.69
CA PHE A 207 -12.53 -23.49 -4.09
C PHE A 207 -12.61 -23.57 -5.61
N PRO A 208 -13.70 -24.10 -6.17
CA PRO A 208 -13.83 -24.05 -7.62
C PRO A 208 -13.84 -22.61 -8.11
N LYS A 209 -13.38 -22.43 -9.35
CA LYS A 209 -13.32 -21.10 -9.93
C LYS A 209 -14.72 -20.60 -10.27
N LEU A 210 -14.99 -19.34 -9.94
CA LEU A 210 -16.22 -18.67 -10.32
C LEU A 210 -15.88 -17.74 -11.49
N THR A 211 -16.46 -18.02 -12.65
CA THR A 211 -16.25 -17.18 -13.82
C THR A 211 -17.27 -16.05 -13.81
N LEU A 212 -16.81 -14.84 -14.14
CA LEU A 212 -17.62 -13.63 -14.06
C LEU A 212 -17.64 -12.98 -15.43
N SER A 213 -18.84 -12.70 -15.93
CA SER A 213 -18.97 -12.04 -17.23
C SER A 213 -20.01 -10.92 -17.13
N PRO A 214 -19.60 -9.65 -17.25
CA PRO A 214 -18.24 -9.18 -17.45
C PRO A 214 -17.47 -9.18 -16.13
N GLN A 215 -16.16 -8.93 -16.19
CA GLN A 215 -15.31 -8.90 -15.01
C GLN A 215 -14.92 -7.47 -14.62
N SER A 216 -15.56 -6.47 -15.20
CA SER A 216 -15.37 -5.08 -14.83
C SER A 216 -16.66 -4.33 -15.17
N GLY A 217 -16.81 -3.14 -14.60
CA GLY A 217 -17.95 -2.31 -14.88
C GLY A 217 -18.38 -1.49 -13.68
N PRO A 218 -19.37 -0.62 -13.88
CA PRO A 218 -19.84 0.24 -12.78
C PRO A 218 -20.86 -0.40 -11.86
N VAL A 219 -21.24 0.33 -10.81
CA VAL A 219 -22.38 -0.05 -9.99
C VAL A 219 -23.58 -0.29 -10.91
N GLY A 220 -24.35 -1.33 -10.59
CA GLY A 220 -25.49 -1.70 -11.40
C GLY A 220 -25.21 -2.74 -12.47
N THR A 221 -23.94 -3.02 -12.76
CA THR A 221 -23.61 -4.04 -13.74
C THR A 221 -24.18 -5.39 -13.32
N VAL A 222 -24.85 -6.05 -14.26
CA VAL A 222 -25.34 -7.40 -14.02
C VAL A 222 -24.27 -8.38 -14.48
N VAL A 223 -23.81 -9.21 -13.55
CA VAL A 223 -22.68 -10.10 -13.80
C VAL A 223 -23.19 -11.53 -13.87
N ALA A 224 -22.95 -12.19 -15.01
N ALA A 224 -22.95 -12.19 -15.01
CA ALA A 224 -23.25 -13.61 -15.14
CA ALA A 224 -23.25 -13.61 -15.14
C ALA A 224 -22.17 -14.40 -14.43
C ALA A 224 -22.17 -14.40 -14.43
N THR A 225 -22.58 -15.28 -13.52
CA THR A 225 -21.64 -16.05 -12.70
C THR A 225 -21.84 -17.54 -12.97
N THR A 226 -20.74 -18.23 -13.29
CA THR A 226 -20.78 -19.67 -13.55
C THR A 226 -19.66 -20.36 -12.79
N CYS A 227 -19.97 -21.49 -12.17
CA CYS A 227 -19.02 -22.22 -11.35
C CYS A 227 -18.36 -23.33 -12.16
N ALA A 228 -17.10 -23.62 -11.82
CA ALA A 228 -16.36 -24.65 -12.53
C ALA A 228 -16.90 -26.04 -12.23
N GLN A 229 -17.50 -26.23 -11.06
CA GLN A 229 -18.09 -27.51 -10.72
C GLN A 229 -19.59 -27.36 -10.47
N ASP A 230 -20.28 -28.49 -10.57
CA ASP A 230 -21.68 -28.51 -10.21
C ASP A 230 -21.82 -28.36 -8.70
N VAL A 231 -22.66 -27.43 -8.29
CA VAL A 231 -22.91 -27.13 -6.90
C VAL A 231 -24.42 -27.19 -6.64
N ASP A 232 -24.79 -27.73 -5.47
CA ASP A 232 -26.16 -27.61 -5.00
C ASP A 232 -26.48 -26.14 -4.77
N THR A 233 -27.52 -25.63 -5.42
CA THR A 233 -27.84 -24.21 -5.38
C THR A 233 -28.76 -23.82 -4.22
N ASN A 234 -29.21 -24.79 -3.43
CA ASN A 234 -30.10 -24.56 -2.29
C ASN A 234 -29.49 -23.54 -1.35
N GLY A 235 -30.07 -22.35 -1.28
CA GLY A 235 -29.61 -21.35 -0.33
C GLY A 235 -28.36 -20.61 -0.74
N VAL A 236 -27.93 -20.74 -2.00
CA VAL A 236 -26.73 -20.03 -2.43
C VAL A 236 -27.01 -18.54 -2.56
N MET A 237 -26.08 -17.74 -2.07
CA MET A 237 -26.15 -16.28 -2.18
C MET A 237 -24.93 -15.78 -2.94
N CYS A 238 -25.11 -14.65 -3.61
CA CYS A 238 -23.97 -13.88 -4.10
C CYS A 238 -23.39 -13.11 -2.94
N ALA A 239 -22.09 -13.25 -2.72
CA ALA A 239 -21.36 -12.44 -1.75
C ALA A 239 -20.50 -11.47 -2.53
N ILE A 240 -20.83 -10.19 -2.46
CA ILE A 240 -20.01 -9.12 -3.04
C ILE A 240 -19.13 -8.60 -1.92
N ILE A 241 -17.83 -8.90 -2.00
CA ILE A 241 -16.90 -8.63 -0.91
C ILE A 241 -16.15 -7.33 -1.25
N SER A 242 -16.45 -6.27 -0.49
CA SER A 242 -15.88 -4.96 -0.73
C SER A 242 -15.03 -4.56 0.45
N GLY A 243 -14.02 -3.72 0.19
CA GLY A 243 -13.18 -3.27 1.28
C GLY A 243 -13.83 -2.20 2.13
N ASN A 244 -14.73 -1.41 1.53
CA ASN A 244 -15.28 -0.28 2.28
C ASN A 244 -16.58 -0.61 2.99
N GLN A 245 -17.37 -1.54 2.48
N GLN A 245 -17.36 -1.55 2.46
CA GLN A 245 -18.63 -1.90 3.12
CA GLN A 245 -18.65 -1.91 3.05
C GLN A 245 -18.64 -3.31 3.69
C GLN A 245 -18.71 -3.38 3.45
N GLY A 246 -17.59 -4.10 3.45
CA GLY A 246 -17.62 -5.50 3.82
C GLY A 246 -18.37 -6.32 2.78
N THR A 247 -18.91 -7.45 3.23
CA THR A 247 -19.65 -8.34 2.35
C THR A 247 -21.11 -7.92 2.25
N LEU A 248 -21.60 -7.77 1.04
CA LEU A 248 -23.01 -7.51 0.76
C LEU A 248 -23.59 -8.74 0.09
N MET A 249 -24.70 -9.24 0.63
N MET A 249 -24.69 -9.25 0.64
CA MET A 249 -25.31 -10.48 0.16
CA MET A 249 -25.32 -10.47 0.16
C MET A 249 -26.54 -10.19 -0.68
C MET A 249 -26.53 -10.16 -0.71
N GLN A 250 -26.76 -11.00 -1.71
CA GLN A 250 -27.96 -10.91 -2.51
C GLN A 250 -28.32 -12.31 -3.02
N ARG A 251 -29.60 -12.56 -3.17
CA ARG A 251 -30.01 -13.77 -3.87
C ARG A 251 -29.65 -13.62 -5.34
N PRO A 252 -29.09 -14.65 -5.96
CA PRO A 252 -28.74 -14.54 -7.38
C PRO A 252 -29.98 -14.35 -8.23
N GLY A 253 -29.81 -13.60 -9.31
CA GLY A 253 -30.82 -13.52 -10.35
C GLY A 253 -30.58 -14.57 -11.42
N GLN A 254 -31.42 -14.53 -12.45
CA GLN A 254 -31.25 -15.41 -13.59
C GLN A 254 -31.05 -14.59 -14.85
N ALA A 255 -30.16 -15.06 -15.73
CA ALA A 255 -29.85 -14.33 -16.94
C ALA A 255 -31.08 -14.15 -17.81
N LYS A 256 -31.25 -12.94 -18.35
CA LYS A 256 -32.46 -12.63 -19.11
C LYS A 256 -32.46 -13.32 -20.48
N ASP A 257 -31.28 -13.61 -21.03
CA ASP A 257 -31.18 -14.24 -22.34
C ASP A 257 -31.55 -15.73 -22.29
N GLY A 258 -32.20 -16.15 -21.20
CA GLY A 258 -32.58 -17.54 -21.03
C GLY A 258 -31.43 -18.51 -20.88
N SER A 259 -30.18 -18.02 -20.83
CA SER A 259 -29.03 -18.91 -20.72
C SER A 259 -29.01 -19.70 -19.41
N GLY A 260 -29.86 -19.34 -18.44
CA GLY A 260 -29.95 -20.08 -17.20
C GLY A 260 -28.81 -19.84 -16.22
N ALA A 261 -27.83 -19.01 -16.57
CA ALA A 261 -26.76 -18.70 -15.64
C ALA A 261 -27.28 -17.79 -14.53
N ALA A 262 -26.78 -18.03 -13.32
CA ALA A 262 -27.08 -17.14 -12.21
C ALA A 262 -26.40 -15.79 -12.46
N THR A 263 -26.96 -14.74 -11.88
CA THR A 263 -26.37 -13.41 -11.98
C THR A 263 -26.26 -12.76 -10.61
N CYS A 264 -25.28 -11.87 -10.49
N CYS A 264 -25.26 -11.90 -10.50
CA CYS A 264 -25.11 -11.01 -9.33
CA CYS A 264 -25.11 -10.98 -9.38
C CYS A 264 -24.98 -9.58 -9.84
C CYS A 264 -25.12 -9.57 -9.95
N THR A 265 -25.63 -8.63 -9.17
CA THR A 265 -25.66 -7.23 -9.59
C THR A 265 -24.83 -6.39 -8.64
N ILE A 266 -23.92 -5.60 -9.20
CA ILE A 266 -23.06 -4.75 -8.37
C ILE A 266 -23.90 -3.75 -7.60
N PRO A 267 -23.87 -3.76 -6.27
CA PRO A 267 -24.81 -2.94 -5.49
C PRO A 267 -24.27 -1.54 -5.28
N PRO A 268 -25.14 -0.60 -4.92
CA PRO A 268 -24.67 0.76 -4.65
C PRO A 268 -23.77 0.80 -3.42
N GLY A 269 -22.86 1.77 -3.43
CA GLY A 269 -22.08 2.10 -2.26
C GLY A 269 -20.71 1.48 -2.19
N VAL A 270 -20.46 0.43 -2.98
CA VAL A 270 -19.14 -0.22 -2.97
C VAL A 270 -18.14 0.65 -3.70
N LYS A 271 -16.88 0.54 -3.29
CA LYS A 271 -15.77 1.26 -3.88
C LYS A 271 -14.55 0.36 -3.88
N GLY A 272 -13.72 0.49 -4.90
CA GLY A 272 -12.49 -0.27 -4.98
C GLY A 272 -12.70 -1.62 -5.64
N ILE A 273 -11.67 -2.45 -5.53
CA ILE A 273 -11.73 -3.77 -6.14
C ILE A 273 -12.70 -4.65 -5.36
N LEU A 274 -13.49 -5.43 -6.09
CA LEU A 274 -14.48 -6.31 -5.49
C LEU A 274 -14.08 -7.76 -5.72
N PHE A 275 -14.51 -8.63 -4.82
CA PHE A 275 -14.39 -10.06 -5.02
C PHE A 275 -15.77 -10.67 -4.87
N ILE A 276 -16.16 -11.50 -5.82
CA ILE A 276 -17.51 -12.04 -5.88
C ILE A 276 -17.41 -13.55 -5.71
N ALA A 277 -18.20 -14.08 -4.77
CA ALA A 277 -18.21 -15.52 -4.50
C ALA A 277 -19.64 -15.97 -4.36
N TRP A 278 -19.84 -17.28 -4.47
CA TRP A 278 -21.09 -17.91 -4.03
C TRP A 278 -20.87 -18.48 -2.64
N VAL A 279 -21.83 -18.22 -1.75
CA VAL A 279 -21.79 -18.72 -0.38
C VAL A 279 -23.13 -19.40 -0.12
N ARG A 280 -23.15 -20.27 0.87
CA ARG A 280 -24.36 -21.01 1.20
C ARG A 280 -24.90 -20.50 2.53
N GLY A 281 -26.11 -19.96 2.50
CA GLY A 281 -26.73 -19.48 3.71
C GLY A 281 -26.25 -18.10 4.11
N ARG A 282 -26.83 -17.61 5.20
CA ARG A 282 -26.55 -16.27 5.70
C ARG A 282 -26.00 -16.29 7.13
N ASP A 283 -25.52 -17.44 7.59
CA ASP A 283 -24.96 -17.52 8.94
C ASP A 283 -23.59 -16.87 9.02
N VAL A 284 -22.82 -16.92 7.94
CA VAL A 284 -21.55 -16.22 7.86
C VAL A 284 -21.78 -14.92 7.12
N LEU A 285 -21.49 -13.80 7.78
CA LEU A 285 -21.76 -12.49 7.20
C LEU A 285 -20.49 -11.81 6.66
N ASN A 286 -19.37 -11.98 7.34
CA ASN A 286 -18.10 -11.33 6.98
C ASN A 286 -17.22 -12.34 6.26
N VAL A 287 -17.50 -12.50 4.97
CA VAL A 287 -16.90 -13.56 4.17
C VAL A 287 -15.40 -13.35 3.99
N GLY A 288 -14.93 -12.09 3.99
CA GLY A 288 -13.52 -11.84 3.85
C GLY A 288 -12.66 -12.42 4.95
N VAL A 289 -13.25 -12.76 6.10
CA VAL A 289 -12.51 -13.37 7.20
C VAL A 289 -13.05 -14.73 7.61
N ASP A 290 -13.96 -15.31 6.82
CA ASP A 290 -14.57 -16.59 7.19
C ASP A 290 -15.06 -17.26 5.91
N ASP A 291 -14.35 -18.31 5.47
CA ASP A 291 -14.71 -18.99 4.22
C ASP A 291 -15.54 -20.24 4.44
N SER A 292 -16.06 -20.44 5.66
CA SER A 292 -16.72 -21.68 6.01
C SER A 292 -18.06 -21.87 5.31
N SER A 293 -18.61 -20.82 4.70
CA SER A 293 -19.82 -20.93 3.90
C SER A 293 -19.54 -20.79 2.40
N THR A 294 -18.28 -20.60 1.99
CA THR A 294 -17.97 -20.39 0.59
C THR A 294 -18.16 -21.68 -0.21
N VAL A 295 -18.76 -21.53 -1.39
N VAL A 295 -18.91 -21.59 -1.31
CA VAL A 295 -19.07 -22.62 -2.29
CA VAL A 295 -19.15 -22.76 -2.14
C VAL A 295 -18.33 -22.52 -3.61
C VAL A 295 -18.34 -22.71 -3.44
N CYS A 296 -18.18 -21.31 -4.16
N CYS A 296 -17.81 -21.55 -3.80
CA CYS A 296 -17.48 -21.15 -5.43
CA CYS A 296 -17.06 -21.36 -5.03
C CYS A 296 -16.89 -19.75 -5.45
C CYS A 296 -16.62 -19.91 -5.09
N GLY A 297 -15.69 -19.63 -6.00
CA GLY A 297 -14.99 -18.37 -6.00
C GLY A 297 -14.28 -18.12 -4.68
N PRO A 298 -13.90 -16.88 -4.42
CA PRO A 298 -14.22 -15.67 -5.19
C PRO A 298 -13.40 -15.54 -6.45
N ASN A 299 -13.86 -14.65 -7.32
CA ASN A 299 -13.05 -14.10 -8.40
C ASN A 299 -13.10 -12.58 -8.28
N TYR A 300 -12.14 -11.91 -8.89
CA TYR A 300 -12.07 -10.46 -8.78
C TYR A 300 -13.00 -9.78 -9.77
N PHE A 301 -13.45 -8.57 -9.41
CA PHE A 301 -14.23 -7.75 -10.32
C PHE A 301 -13.69 -6.33 -10.22
N LEU A 302 -13.30 -5.77 -11.37
CA LEU A 302 -12.68 -4.44 -11.39
C LEU A 302 -13.75 -3.39 -11.55
N LEU A 303 -14.21 -2.88 -10.40
CA LEU A 303 -15.23 -1.83 -10.38
C LEU A 303 -14.69 -0.56 -11.01
N SER A 304 -15.51 0.05 -11.87
CA SER A 304 -15.13 1.31 -12.51
C SER A 304 -14.84 2.36 -11.45
N ALA A 305 -13.84 3.19 -11.72
CA ALA A 305 -13.48 4.23 -10.76
C ALA A 305 -12.82 5.39 -11.47
N LEU A 306 -12.93 6.56 -10.87
CA LEU A 306 -12.19 7.72 -11.32
C LEU A 306 -10.71 7.42 -11.37
N GLY A 307 -10.10 7.63 -12.53
CA GLY A 307 -8.74 7.25 -12.79
C GLY A 307 -8.59 6.20 -13.87
N ASP A 308 -9.66 5.46 -14.17
CA ASP A 308 -9.64 4.56 -15.32
C ASP A 308 -9.40 5.37 -16.59
N ALA A 309 -8.72 4.74 -17.57
CA ALA A 309 -8.48 5.40 -18.84
C ALA A 309 -9.80 5.68 -19.55
N VAL A 310 -9.87 6.84 -20.21
CA VAL A 310 -11.13 7.40 -20.66
C VAL A 310 -11.40 7.12 -22.13
N MET B 34 -1.92 -0.01 28.79
CA MET B 34 -2.85 1.05 28.40
C MET B 34 -3.31 0.81 26.96
N ASP B 35 -4.63 0.80 26.74
CA ASP B 35 -5.15 0.73 25.38
C ASP B 35 -5.02 2.12 24.75
N MET B 36 -4.06 2.27 23.83
CA MET B 36 -3.80 3.54 23.16
C MET B 36 -4.55 3.67 21.83
N THR B 37 -5.60 2.89 21.63
CA THR B 37 -6.30 2.89 20.34
C THR B 37 -6.84 4.26 20.00
N LEU B 38 -7.55 4.89 20.93
CA LEU B 38 -8.16 6.19 20.62
C LEU B 38 -7.10 7.24 20.36
N ASP B 39 -6.01 7.23 21.13
CA ASP B 39 -4.87 8.11 20.87
C ASP B 39 -4.36 7.94 19.45
N ALA B 40 -4.18 6.69 19.02
CA ALA B 40 -3.65 6.46 17.69
C ALA B 40 -4.62 6.92 16.60
N LEU B 41 -5.91 6.65 16.79
CA LEU B 41 -6.92 7.03 15.80
C LEU B 41 -7.05 8.54 15.70
N ASN B 42 -7.04 9.24 16.83
CA ASN B 42 -7.14 10.70 16.76
C ASN B 42 -5.90 11.33 16.12
N PHE B 43 -4.73 10.70 16.32
CA PHE B 43 -3.53 11.15 15.62
C PHE B 43 -3.69 10.96 14.12
N LEU B 44 -4.20 9.80 13.69
CA LEU B 44 -4.43 9.59 12.26
C LEU B 44 -5.49 10.52 11.72
N LEU B 45 -6.48 10.86 12.55
CA LEU B 45 -7.48 11.83 12.12
C LEU B 45 -6.84 13.20 11.88
N GLY B 46 -5.91 13.61 12.74
CA GLY B 46 -5.17 14.83 12.45
C GLY B 46 -4.47 14.77 11.11
N VAL B 47 -3.85 13.64 10.80
CA VAL B 47 -3.16 13.47 9.52
C VAL B 47 -4.15 13.58 8.36
N GLU B 48 -5.31 12.96 8.50
CA GLU B 48 -6.26 12.93 7.41
C GLU B 48 -7.07 14.22 7.30
N HIS B 49 -7.24 14.98 8.39
CA HIS B 49 -7.82 16.31 8.27
C HIS B 49 -6.95 17.18 7.38
N LEU B 50 -5.63 17.08 7.56
CA LEU B 50 -4.70 17.88 6.77
C LEU B 50 -4.73 17.44 5.32
N ALA B 51 -4.62 16.14 5.06
CA ALA B 51 -4.60 15.66 3.68
C ALA B 51 -5.91 15.97 2.98
N SER B 52 -7.04 15.68 3.62
N SER B 52 -7.04 15.67 3.63
CA SER B 52 -8.32 15.94 2.97
CA SER B 52 -8.34 15.94 3.04
C SER B 52 -8.51 17.43 2.70
C SER B 52 -8.50 17.42 2.71
N ALA B 53 -8.06 18.29 3.62
CA ALA B 53 -8.16 19.73 3.36
C ALA B 53 -7.39 20.12 2.11
N PHE B 54 -6.19 19.56 1.94
CA PHE B 54 -5.39 19.87 0.76
C PHE B 54 -6.10 19.45 -0.52
N TYR B 55 -6.55 18.18 -0.58
CA TYR B 55 -7.16 17.69 -1.82
C TYR B 55 -8.50 18.34 -2.12
N VAL B 56 -9.30 18.66 -1.10
CA VAL B 56 -10.55 19.36 -1.36
C VAL B 56 -10.26 20.71 -1.98
N GLN B 57 -9.28 21.42 -1.43
CA GLN B 57 -8.93 22.74 -1.96
C GLN B 57 -8.34 22.65 -3.36
N ALA B 58 -7.46 21.66 -3.60
CA ALA B 58 -6.80 21.55 -4.89
C ALA B 58 -7.78 21.18 -6.00
N VAL B 59 -8.71 20.26 -5.73
CA VAL B 59 -9.71 19.93 -6.74
C VAL B 59 -10.60 21.14 -7.00
N ASN B 60 -10.90 21.90 -5.95
CA ASN B 60 -11.68 23.11 -6.16
C ASN B 60 -10.99 24.09 -7.10
N ASN B 61 -9.68 24.25 -6.95
CA ASN B 61 -8.98 25.35 -7.62
C ASN B 61 -8.34 24.96 -8.94
N PHE B 62 -8.27 23.68 -9.27
CA PHE B 62 -7.67 23.25 -10.52
C PHE B 62 -8.63 22.36 -11.28
N THR B 63 -8.58 22.46 -12.60
CA THR B 63 -9.46 21.69 -13.49
C THR B 63 -8.66 20.71 -14.32
N ALA B 64 -9.40 19.84 -15.01
CA ALA B 64 -8.76 18.92 -15.95
C ALA B 64 -8.00 19.68 -17.04
N ASP B 65 -8.55 20.83 -17.47
CA ASP B 65 -7.82 21.64 -18.46
C ASP B 65 -6.48 22.13 -17.90
N ASP B 66 -6.44 22.50 -16.62
CA ASP B 66 -5.15 22.88 -16.02
C ASP B 66 -4.19 21.69 -16.04
N PHE B 67 -4.68 20.50 -15.69
CA PHE B 67 -3.80 19.32 -15.72
C PHE B 67 -3.31 19.05 -17.14
N LYS B 68 -4.20 19.17 -18.13
CA LYS B 68 -3.80 18.89 -19.50
C LYS B 68 -2.79 19.91 -20.01
N ALA B 69 -2.95 21.18 -19.62
CA ALA B 69 -1.97 22.19 -19.99
C ALA B 69 -0.59 21.89 -19.40
N ALA B 70 -0.55 21.20 -18.27
CA ALA B 70 0.69 20.78 -17.63
C ALA B 70 1.21 19.45 -18.18
N GLY B 71 0.56 18.92 -19.20
CA GLY B 71 1.02 17.71 -19.86
C GLY B 71 0.41 16.43 -19.35
N LEU B 72 -0.57 16.52 -18.47
CA LEU B 72 -1.20 15.34 -17.92
C LEU B 72 -2.41 14.97 -18.76
N ALA B 73 -3.07 13.87 -18.40
CA ALA B 73 -4.23 13.39 -19.14
C ALA B 73 -5.49 13.52 -18.28
N GLN B 74 -6.64 13.43 -18.95
CA GLN B 74 -7.92 13.42 -18.25
C GLN B 74 -7.95 12.41 -17.11
N ARG B 75 -7.44 11.19 -17.36
N ARG B 75 -7.44 11.19 -17.36
CA ARG B 75 -7.48 10.17 -16.31
CA ARG B 75 -7.45 10.15 -16.34
C ARG B 75 -6.63 10.55 -15.11
C ARG B 75 -6.65 10.58 -15.11
N ASP B 76 -5.63 11.41 -15.29
CA ASP B 76 -4.83 11.86 -14.15
C ASP B 76 -5.62 12.83 -13.28
N TYR B 77 -6.36 13.75 -13.91
CA TYR B 77 -7.26 14.60 -13.13
C TYR B 77 -8.35 13.78 -12.47
N ASP B 78 -8.91 12.82 -13.20
CA ASP B 78 -9.96 11.97 -12.62
C ASP B 78 -9.44 11.25 -11.38
N GLN B 79 -8.26 10.63 -11.48
CA GLN B 79 -7.68 9.97 -10.31
C GLN B 79 -7.41 10.97 -9.19
N PHE B 80 -7.05 12.21 -9.54
CA PHE B 80 -6.81 13.22 -8.51
C PHE B 80 -8.10 13.49 -7.74
N VAL B 81 -9.24 13.62 -8.43
CA VAL B 81 -10.52 13.71 -7.74
C VAL B 81 -10.75 12.46 -6.89
N GLY B 82 -10.43 11.29 -7.44
CA GLY B 82 -10.53 10.06 -6.67
C GLY B 82 -9.73 10.08 -5.38
N VAL B 83 -8.51 10.63 -5.44
CA VAL B 83 -7.70 10.77 -4.23
C VAL B 83 -8.40 11.66 -3.21
N ARG B 84 -8.93 12.80 -3.67
CA ARG B 84 -9.73 13.63 -2.77
C ARG B 84 -10.83 12.81 -2.12
N ASN B 85 -11.58 12.07 -2.94
CA ASN B 85 -12.70 11.31 -2.40
C ASN B 85 -12.23 10.26 -1.41
N ASN B 86 -11.12 9.59 -1.73
CA ASN B 86 -10.59 8.56 -0.85
C ASN B 86 -10.14 9.15 0.48
N GLU B 87 -9.51 10.34 0.45
CA GLU B 87 -9.01 10.92 1.69
C GLU B 87 -10.13 11.47 2.53
N VAL B 88 -11.17 12.03 1.90
CA VAL B 88 -12.38 12.38 2.62
C VAL B 88 -12.96 11.16 3.31
N ASP B 89 -12.97 10.01 2.62
CA ASP B 89 -13.42 8.78 3.25
C ASP B 89 -12.51 8.38 4.42
N HIS B 90 -11.18 8.46 4.24
CA HIS B 90 -10.29 8.09 5.32
C HIS B 90 -10.55 8.94 6.56
N ARG B 91 -10.79 10.23 6.37
CA ARG B 91 -11.09 11.13 7.48
C ARG B 91 -12.41 10.77 8.14
N ASP B 92 -13.46 10.62 7.32
CA ASP B 92 -14.80 10.38 7.86
C ASP B 92 -14.87 9.04 8.57
N THR B 93 -14.15 8.04 8.07
CA THR B 93 -14.16 6.73 8.72
C THR B 93 -13.51 6.82 10.10
N LEU B 94 -12.40 7.57 10.21
CA LEU B 94 -11.76 7.72 11.50
C LEU B 94 -12.69 8.43 12.47
N ILE B 95 -13.39 9.48 12.00
CA ILE B 95 -14.36 10.17 12.85
C ILE B 95 -15.42 9.19 13.37
N SER B 96 -15.97 8.37 12.47
N SER B 96 -15.96 8.36 12.49
CA SER B 96 -17.01 7.42 12.85
CA SER B 96 -17.02 7.43 12.88
C SER B 96 -16.50 6.41 13.88
C SER B 96 -16.52 6.38 13.86
N VAL B 97 -15.31 5.84 13.63
CA VAL B 97 -14.77 4.84 14.54
C VAL B 97 -14.48 5.44 15.91
N ILE B 98 -13.90 6.64 15.93
CA ILE B 98 -13.59 7.29 17.22
C ILE B 98 -14.86 7.49 18.02
N LYS B 99 -15.92 7.95 17.36
CA LYS B 99 -17.21 8.14 18.04
C LYS B 99 -17.75 6.82 18.56
N SER B 100 -17.63 5.75 17.78
CA SER B 100 -18.12 4.44 18.19
C SER B 100 -17.40 3.90 19.41
N LEU B 101 -16.17 4.34 19.66
CA LEU B 101 -15.40 3.92 20.82
C LEU B 101 -15.56 4.88 22.00
N GLY B 102 -16.51 5.82 21.91
CA GLY B 102 -16.73 6.78 22.97
C GLY B 102 -15.77 7.94 23.00
N GLY B 103 -14.98 8.15 21.94
CA GLY B 103 -14.02 9.24 21.95
C GLY B 103 -14.56 10.52 21.32
N LYS B 104 -13.79 11.59 21.47
CA LYS B 104 -14.14 12.87 20.88
C LYS B 104 -13.19 13.15 19.73
N PRO B 105 -13.67 13.14 18.48
CA PRO B 105 -12.74 13.30 17.35
C PRO B 105 -12.14 14.69 17.30
N ASN B 106 -10.84 14.74 17.01
CA ASN B 106 -10.14 16.00 16.84
C ASN B 106 -10.80 16.82 15.72
N PRO B 107 -10.86 18.14 15.87
CA PRO B 107 -11.27 19.01 14.78
C PRO B 107 -10.13 19.25 13.82
N PRO B 108 -10.37 19.84 12.66
CA PRO B 108 -9.26 20.24 11.78
C PRO B 108 -8.43 21.35 12.41
N CYS B 109 -7.19 21.42 11.98
CA CYS B 109 -6.33 22.54 12.30
C CYS B 109 -6.45 23.58 11.20
N LYS B 110 -5.64 24.63 11.26
CA LYS B 110 -5.57 25.62 10.20
C LYS B 110 -4.29 25.38 9.40
N TYR B 111 -4.42 25.33 8.08
CA TYR B 111 -3.37 24.85 7.20
C TYR B 111 -2.88 25.92 6.24
N THR B 112 -1.73 25.64 5.63
CA THR B 112 -1.23 26.45 4.53
C THR B 112 -0.47 25.53 3.58
N PHE B 113 -0.75 25.66 2.29
CA PHE B 113 -0.12 24.79 1.32
C PHE B 113 0.57 25.63 0.25
N PRO B 114 1.82 25.31 -0.08
CA PRO B 114 2.63 26.12 -1.00
C PRO B 114 2.28 25.85 -2.46
N VAL B 115 1.05 26.17 -2.83
CA VAL B 115 0.50 25.84 -4.13
C VAL B 115 0.58 27.06 -5.04
N THR B 116 1.12 26.86 -6.24
CA THR B 116 1.04 27.83 -7.31
C THR B 116 0.47 27.17 -8.57
N ASP B 117 1.25 26.32 -9.22
CA ASP B 117 0.85 25.66 -10.45
C ASP B 117 0.57 24.17 -10.21
N VAL B 118 0.18 23.47 -11.29
CA VAL B 118 -0.10 22.04 -11.18
C VAL B 118 1.11 21.28 -10.66
N ALA B 119 2.31 21.64 -11.11
CA ALA B 119 3.50 20.94 -10.64
C ALA B 119 3.61 21.00 -9.13
N SER B 120 3.32 22.16 -8.54
CA SER B 120 3.39 22.27 -7.08
C SER B 120 2.31 21.44 -6.42
N VAL B 121 1.14 21.31 -7.06
CA VAL B 121 0.08 20.47 -6.52
C VAL B 121 0.54 19.03 -6.43
N LEU B 122 1.18 18.53 -7.49
CA LEU B 122 1.67 17.16 -7.51
C LEU B 122 2.77 16.94 -6.48
N LYS B 123 3.65 17.93 -6.29
N LYS B 123 3.64 17.94 -6.28
CA LYS B 123 4.72 17.78 -5.31
CA LYS B 123 4.72 17.77 -5.31
C LYS B 123 4.16 17.74 -3.90
C LYS B 123 4.20 17.77 -3.88
N VAL B 124 3.21 18.63 -3.57
CA VAL B 124 2.60 18.58 -2.25
C VAL B 124 1.89 17.24 -2.04
N SER B 125 1.17 16.77 -3.06
CA SER B 125 0.48 15.49 -2.97
C SER B 125 1.45 14.38 -2.65
N ARG B 126 2.55 14.32 -3.40
CA ARG B 126 3.57 13.30 -3.16
C ARG B 126 4.10 13.37 -1.73
N THR B 127 4.37 14.60 -1.25
CA THR B 127 4.87 14.79 0.10
C THR B 127 3.88 14.26 1.13
N LEU B 128 2.60 14.59 0.97
CA LEU B 128 1.61 14.12 1.93
C LEU B 128 1.49 12.61 1.93
N GLU B 129 1.41 11.99 0.74
CA GLU B 129 1.20 10.54 0.71
C GLU B 129 2.44 9.80 1.21
N ASN B 130 3.63 10.33 0.93
CA ASN B 130 4.84 9.66 1.42
C ASN B 130 4.93 9.70 2.93
N ALA B 131 4.40 10.74 3.57
CA ALA B 131 4.38 10.82 5.02
C ALA B 131 3.21 10.04 5.62
N ASP B 132 2.15 9.81 4.83
CA ASP B 132 1.00 9.03 5.27
C ASP B 132 1.43 7.67 5.77
N LYS B 133 2.23 7.02 4.96
CA LYS B 133 2.55 5.61 5.18
C LYS B 133 3.25 5.39 6.51
N PRO B 134 4.31 6.13 6.85
CA PRO B 134 4.90 5.93 8.20
C PRO B 134 3.96 6.33 9.31
N ALA B 135 3.07 7.30 9.08
CA ALA B 135 2.09 7.66 10.09
C ALA B 135 1.19 6.48 10.43
N TYR B 136 0.59 5.87 9.41
CA TYR B 136 -0.27 4.70 9.62
C TYR B 136 0.52 3.53 10.20
N LEU B 137 1.74 3.30 9.71
CA LEU B 137 2.51 2.17 10.21
C LEU B 137 2.83 2.35 11.69
N GLY B 138 3.18 3.57 12.10
CA GLY B 138 3.41 3.80 13.52
C GLY B 138 2.16 3.64 14.34
N ALA B 139 1.06 4.22 13.87
CA ALA B 139 -0.20 4.16 14.61
C ALA B 139 -0.69 2.73 14.78
N LEU B 140 -0.46 1.87 13.78
CA LEU B 140 -0.93 0.50 13.87
C LEU B 140 -0.28 -0.26 15.02
N ARG B 141 0.86 0.21 15.53
CA ARG B 141 1.49 -0.45 16.67
C ARG B 141 0.63 -0.31 17.92
N ASP B 142 -0.25 0.69 17.95
CA ASP B 142 -1.03 1.03 19.14
C ASP B 142 -2.48 0.59 19.04
N ILE B 143 -2.90 0.03 17.92
CA ILE B 143 -4.31 -0.34 17.71
C ILE B 143 -4.52 -1.76 18.20
N LYS B 144 -5.41 -1.92 19.18
CA LYS B 144 -5.49 -3.17 19.94
C LYS B 144 -6.27 -4.26 19.19
N SER B 145 -7.36 -3.88 18.52
CA SER B 145 -8.31 -4.82 17.93
C SER B 145 -7.80 -5.39 16.61
N VAL B 146 -7.98 -6.71 16.44
CA VAL B 146 -7.75 -7.35 15.14
C VAL B 146 -8.60 -6.71 14.06
N GLU B 147 -9.91 -6.57 14.33
CA GLU B 147 -10.81 -6.02 13.33
C GLU B 147 -10.44 -4.58 12.97
N LEU B 148 -10.10 -3.77 13.97
CA LEU B 148 -9.78 -2.38 13.65
C LEU B 148 -8.45 -2.29 12.92
N ARG B 149 -7.49 -3.15 13.28
CA ARG B 149 -6.24 -3.19 12.50
C ARG B 149 -6.52 -3.51 11.05
N THR B 150 -7.44 -4.43 10.77
CA THR B 150 -7.73 -4.77 9.39
C THR B 150 -8.23 -3.54 8.62
N SER B 151 -9.14 -2.78 9.23
N SER B 151 -9.13 -2.76 9.22
CA SER B 151 -9.68 -1.60 8.58
CA SER B 151 -9.66 -1.61 8.50
C SER B 151 -8.60 -0.55 8.36
C SER B 151 -8.62 -0.49 8.37
N VAL B 152 -7.78 -0.30 9.39
CA VAL B 152 -6.74 0.73 9.31
C VAL B 152 -5.66 0.33 8.32
N GLN B 153 -5.27 -0.95 8.31
CA GLN B 153 -4.32 -1.44 7.32
C GLN B 153 -4.87 -1.27 5.92
N GLY B 154 -6.18 -1.47 5.76
CA GLY B 154 -6.80 -1.32 4.45
C GLY B 154 -6.74 0.11 3.93
N ALA B 155 -6.79 1.08 4.85
CA ALA B 155 -6.62 2.48 4.45
C ALA B 155 -5.15 2.79 4.13
N LEU B 156 -4.23 2.27 4.94
CA LEU B 156 -2.81 2.39 4.60
C LEU B 156 -2.53 1.89 3.19
N SER B 157 -3.14 0.75 2.82
CA SER B 157 -2.96 0.23 1.47
C SER B 157 -3.43 1.23 0.42
N GLY B 158 -4.55 1.90 0.69
CA GLY B 158 -5.03 2.92 -0.23
C GLY B 158 -4.10 4.10 -0.34
N ASP B 159 -3.59 4.60 0.79
CA ASP B 159 -2.67 5.73 0.70
C ASP B 159 -1.37 5.33 0.03
N SER B 160 -0.96 4.06 0.15
N SER B 160 -0.97 4.06 0.15
CA SER B 160 0.23 3.64 -0.59
CA SER B 160 0.21 3.57 -0.57
C SER B 160 -0.01 3.68 -2.09
C SER B 160 -0.02 3.66 -2.07
N ALA B 161 -1.23 3.36 -2.52
CA ALA B 161 -1.54 3.50 -3.95
C ALA B 161 -1.51 4.96 -4.36
N HIS B 162 -2.02 5.87 -3.51
CA HIS B 162 -1.91 7.30 -3.81
C HIS B 162 -0.46 7.70 -4.00
N ALA B 163 0.39 7.26 -3.08
CA ALA B 163 1.81 7.62 -3.16
C ALA B 163 2.43 7.12 -4.46
N ALA B 164 2.09 5.91 -4.89
CA ALA B 164 2.65 5.40 -6.14
C ALA B 164 2.21 6.25 -7.32
N PHE B 165 0.96 6.69 -7.32
CA PHE B 165 0.43 7.53 -8.40
C PHE B 165 1.19 8.85 -8.49
N PHE B 166 1.35 9.54 -7.35
CA PHE B 166 2.05 10.83 -7.40
C PHE B 166 3.53 10.68 -7.65
N ALA B 167 4.15 9.60 -7.19
CA ALA B 167 5.52 9.31 -7.60
C ALA B 167 5.61 9.21 -9.12
N TYR B 168 4.76 8.39 -9.73
CA TYR B 168 4.88 8.20 -11.17
C TYR B 168 4.68 9.52 -11.92
N LEU B 169 3.71 10.32 -11.50
CA LEU B 169 3.44 11.58 -12.20
C LEU B 169 4.57 12.59 -12.04
N THR B 170 5.39 12.45 -11.00
CA THR B 170 6.50 13.36 -10.76
C THR B 170 7.85 12.73 -11.13
N GLY B 171 7.85 11.63 -11.86
CA GLY B 171 9.09 11.05 -12.34
C GLY B 171 9.88 10.25 -11.33
N LYS B 172 9.25 9.83 -10.24
CA LYS B 172 9.88 8.98 -9.23
C LYS B 172 9.32 7.56 -9.35
N ALA B 173 10.16 6.59 -9.00
CA ALA B 173 9.69 5.20 -9.04
C ALA B 173 8.44 5.05 -8.17
N PRO B 174 7.36 4.47 -8.68
CA PRO B 174 6.19 4.27 -7.83
C PRO B 174 6.42 3.27 -6.72
N ALA B 175 7.35 2.33 -6.90
CA ALA B 175 7.66 1.31 -5.89
C ALA B 175 9.17 1.23 -5.73
N PRO B 176 9.76 2.19 -5.00
CA PRO B 176 11.22 2.28 -4.93
C PRO B 176 11.88 1.24 -4.04
N GLY B 177 11.12 0.52 -3.22
CA GLY B 177 11.73 -0.47 -2.37
C GLY B 177 10.70 -1.47 -1.91
N PRO B 178 11.15 -2.48 -1.19
CA PRO B 178 10.26 -3.55 -0.75
C PRO B 178 9.44 -3.27 0.50
N VAL B 179 9.93 -2.43 1.41
CA VAL B 179 9.31 -2.30 2.73
C VAL B 179 9.22 -0.83 3.12
N ASP B 180 8.02 -0.38 3.47
CA ASP B 180 7.86 0.93 4.08
C ASP B 180 7.91 0.77 5.60
N GLY B 181 8.60 1.69 6.28
CA GLY B 181 8.73 1.63 7.71
C GLY B 181 7.97 2.70 8.46
N PRO B 182 7.89 2.54 9.78
CA PRO B 182 7.16 3.48 10.64
C PRO B 182 7.99 4.68 11.05
N LEU B 183 7.26 5.71 11.51
CA LEU B 183 7.83 6.83 12.24
C LEU B 183 6.91 7.10 13.43
N THR B 184 7.39 7.83 14.43
CA THR B 184 6.56 8.14 15.59
C THR B 184 5.62 9.31 15.31
N GLN B 185 4.69 9.54 16.24
CA GLN B 185 3.75 10.66 16.06
C GLN B 185 4.48 11.99 15.97
N ARG B 186 5.45 12.23 16.87
CA ARG B 186 6.20 13.47 16.80
C ARG B 186 7.02 13.57 15.52
N HIS B 187 7.56 12.45 15.02
CA HIS B 187 8.24 12.47 13.74
C HIS B 187 7.30 12.94 12.64
N ILE B 188 6.06 12.42 12.64
CA ILE B 188 5.08 12.80 11.63
C ILE B 188 4.73 14.28 11.77
N ALA B 189 4.58 14.77 13.01
CA ALA B 189 4.34 16.19 13.21
C ALA B 189 5.48 17.02 12.63
N THR B 190 6.71 16.51 12.74
CA THR B 190 7.86 17.20 12.19
C THR B 190 7.76 17.30 10.67
N LEU B 191 7.35 16.22 10.00
CA LEU B 191 7.15 16.27 8.56
C LEU B 191 5.99 17.18 8.17
N ALA B 192 4.96 17.30 9.01
CA ALA B 192 3.77 18.06 8.65
C ALA B 192 3.88 19.55 8.92
N GLN B 193 4.91 19.97 9.66
CA GLN B 193 4.85 21.29 10.30
C GLN B 193 4.77 22.44 9.32
N ASP B 194 5.40 22.32 8.14
CA ASP B 194 5.35 23.42 7.19
C ASP B 194 3.94 23.71 6.69
N PHE B 195 3.02 22.76 6.83
CA PHE B 195 1.66 22.91 6.33
C PHE B 195 0.66 23.30 7.41
N ILE B 196 1.12 23.49 8.65
CA ILE B 196 0.23 23.79 9.75
C ILE B 196 0.49 25.22 10.20
N VAL B 197 -0.57 26.03 10.21
CA VAL B 197 -0.48 27.37 10.79
C VAL B 197 -0.69 27.31 12.30
N SER B 198 -1.76 26.63 12.73
CA SER B 198 -2.09 26.53 14.14
C SER B 198 -3.08 25.39 14.34
N CYS B 199 -3.10 24.85 15.54
CA CYS B 199 -4.13 23.89 15.92
C CYS B 199 -4.89 24.37 17.13
N PRO B 200 -6.19 24.14 17.19
CA PRO B 200 -7.02 24.58 18.33
C PRO B 200 -7.01 23.63 19.52
N TYR B 201 -6.21 22.57 19.48
CA TYR B 201 -6.07 21.62 20.56
C TYR B 201 -4.61 21.25 20.64
N PRO B 202 -4.17 20.63 21.74
CA PRO B 202 -2.77 20.21 21.84
C PRO B 202 -2.48 19.01 20.96
N ALA B 203 -1.87 19.24 19.81
CA ALA B 203 -1.50 18.18 18.88
C ALA B 203 -0.08 17.72 19.16
N PRO B 204 0.32 16.57 18.60
CA PRO B 204 1.73 16.15 18.77
C PRO B 204 2.69 17.24 18.32
N LYS B 205 3.74 17.46 19.11
CA LYS B 205 4.63 18.57 18.85
C LYS B 205 5.75 18.15 17.90
N PRO B 206 6.07 18.97 16.90
CA PRO B 206 7.16 18.62 16.00
C PRO B 206 8.50 18.82 16.68
N PHE B 207 9.50 18.12 16.16
CA PHE B 207 10.89 18.49 16.37
C PHE B 207 11.23 19.60 15.40
N PRO B 208 12.34 20.30 15.61
CA PRO B 208 12.77 21.28 14.61
C PRO B 208 12.95 20.63 13.25
N LYS B 209 12.69 21.39 12.20
CA LYS B 209 12.84 20.89 10.84
C LYS B 209 14.30 20.73 10.48
N LEU B 210 14.64 19.61 9.85
CA LEU B 210 15.97 19.37 9.32
C LEU B 210 15.91 19.54 7.81
N THR B 211 16.63 20.54 7.29
CA THR B 211 16.68 20.79 5.86
C THR B 211 17.79 19.96 5.23
N LEU B 212 17.48 19.29 4.12
CA LEU B 212 18.43 18.39 3.46
C LEU B 212 18.74 18.91 2.07
N SER B 213 20.03 18.95 1.73
N SER B 213 20.03 18.95 1.73
CA SER B 213 20.44 19.40 0.41
CA SER B 213 20.46 19.40 0.42
C SER B 213 21.55 18.49 -0.11
C SER B 213 21.56 18.49 -0.12
N PRO B 214 21.29 17.71 -1.17
CA PRO B 214 20.03 17.55 -1.91
C PRO B 214 19.04 16.69 -1.14
N GLN B 215 17.80 16.63 -1.62
CA GLN B 215 16.78 15.84 -0.95
C GLN B 215 16.44 14.59 -1.77
N SER B 216 17.27 14.25 -2.75
CA SER B 216 17.14 13.01 -3.52
C SER B 216 18.52 12.63 -4.03
N GLY B 217 18.67 11.35 -4.39
CA GLY B 217 19.90 10.88 -4.97
C GLY B 217 20.21 9.45 -4.62
N PRO B 218 21.32 8.93 -5.17
CA PRO B 218 21.67 7.52 -4.97
C PRO B 218 22.48 7.24 -3.72
N VAL B 219 22.72 5.97 -3.42
CA VAL B 219 23.71 5.60 -2.40
C VAL B 219 25.00 6.36 -2.66
N GLY B 220 25.61 6.86 -1.58
CA GLY B 220 26.82 7.64 -1.68
C GLY B 220 26.62 9.14 -1.76
N THR B 221 25.39 9.60 -1.94
CA THR B 221 25.12 11.04 -1.95
C THR B 221 25.47 11.63 -0.60
N VAL B 222 26.23 12.73 -0.63
CA VAL B 222 26.56 13.47 0.57
C VAL B 222 25.50 14.56 0.74
N VAL B 223 24.75 14.48 1.84
CA VAL B 223 23.61 15.35 2.10
C VAL B 223 24.02 16.37 3.16
N ALA B 224 23.94 17.65 2.81
CA ALA B 224 24.15 18.70 3.80
C ALA B 224 22.87 18.88 4.61
N THR B 225 23.00 18.91 5.93
CA THR B 225 21.84 18.96 6.82
C THR B 225 21.97 20.18 7.72
N THR B 226 20.88 20.95 7.83
CA THR B 226 20.84 22.12 8.71
C THR B 226 19.55 22.11 9.52
N CYS B 227 19.64 22.50 10.78
CA CYS B 227 18.52 22.46 11.70
C CYS B 227 17.89 23.84 11.86
N ALA B 228 16.56 23.87 11.97
CA ALA B 228 15.83 25.13 12.07
C ALA B 228 16.04 25.82 13.42
N GLN B 229 16.53 25.10 14.43
N GLN B 229 16.49 25.09 14.43
CA GLN B 229 16.75 25.67 15.75
CA GLN B 229 16.78 25.69 15.72
C GLN B 229 18.15 25.31 16.24
C GLN B 229 18.23 25.45 16.09
N ASP B 230 18.70 26.19 17.09
CA ASP B 230 20.06 26.07 17.61
C ASP B 230 20.11 24.96 18.67
N VAL B 231 20.00 23.73 18.19
CA VAL B 231 20.01 22.57 19.07
C VAL B 231 21.44 22.26 19.50
N ASP B 232 21.56 21.50 20.60
CA ASP B 232 22.87 21.05 21.04
C ASP B 232 23.36 19.98 20.06
N THR B 233 24.49 20.25 19.42
CA THR B 233 25.07 19.31 18.46
C THR B 233 26.12 18.39 19.08
N ASN B 234 26.43 18.55 20.36
CA ASN B 234 27.42 17.66 21.00
C ASN B 234 26.88 16.23 21.04
N GLY B 235 27.63 15.32 20.45
CA GLY B 235 27.21 13.94 20.42
C GLY B 235 26.20 13.60 19.35
N VAL B 236 25.85 14.54 18.49
CA VAL B 236 24.82 14.28 17.49
C VAL B 236 25.33 13.27 16.47
N MET B 237 24.45 12.34 16.08
N MET B 237 24.50 12.26 16.21
CA MET B 237 24.74 11.45 14.95
CA MET B 237 24.73 11.26 15.18
C MET B 237 23.66 11.58 13.89
C MET B 237 23.57 11.31 14.22
N CYS B 238 23.96 11.08 12.69
N CYS B 238 23.87 11.05 12.95
CA CYS B 238 22.93 10.95 11.65
CA CYS B 238 22.86 11.05 11.90
C CYS B 238 22.25 9.60 11.82
C CYS B 238 22.24 9.66 11.81
N ALA B 239 20.92 9.62 11.91
CA ALA B 239 20.14 8.41 11.79
C ALA B 239 19.51 8.41 10.39
N ILE B 240 19.85 7.39 9.59
CA ILE B 240 19.22 7.16 8.30
C ILE B 240 18.19 6.06 8.52
N ILE B 241 16.91 6.41 8.43
CA ILE B 241 15.82 5.51 8.79
C ILE B 241 15.26 4.90 7.51
N SER B 242 15.52 3.61 7.31
CA SER B 242 15.09 2.87 6.13
C SER B 242 14.04 1.84 6.50
N GLY B 243 13.17 1.52 5.55
CA GLY B 243 12.18 0.50 5.81
C GLY B 243 12.74 -0.91 5.77
N ASN B 244 13.77 -1.14 4.97
CA ASN B 244 14.29 -2.49 4.79
C ASN B 244 15.41 -2.82 5.76
N GLN B 245 16.18 -1.82 6.21
CA GLN B 245 17.31 -2.05 7.12
C GLN B 245 17.10 -1.44 8.50
N GLY B 246 16.00 -0.72 8.74
CA GLY B 246 15.89 -0.03 10.02
C GLY B 246 16.78 1.21 10.06
N THR B 247 17.21 1.57 11.26
CA THR B 247 18.03 2.75 11.45
C THR B 247 19.50 2.42 11.27
N LEU B 248 20.18 3.18 10.43
CA LEU B 248 21.62 3.06 10.23
C LEU B 248 22.28 4.33 10.72
N MET B 249 23.28 4.20 11.60
CA MET B 249 23.98 5.34 12.19
C MET B 249 25.32 5.71 11.58
N GLN B 250 25.60 7.00 11.60
CA GLN B 250 26.91 7.50 11.21
C GLN B 250 27.17 8.82 11.94
N ARG B 251 28.46 9.13 12.14
CA ARG B 251 28.81 10.45 12.64
C ARG B 251 28.86 11.45 11.50
N PRO B 252 28.23 12.61 11.63
N PRO B 252 28.24 12.61 11.62
CA PRO B 252 28.17 13.55 10.50
CA PRO B 252 28.16 13.54 10.49
C PRO B 252 29.55 14.06 10.10
C PRO B 252 29.54 14.08 10.11
N GLY B 253 29.69 14.37 8.82
CA GLY B 253 30.85 15.06 8.31
C GLY B 253 30.62 16.56 8.30
N GLN B 254 31.54 17.27 7.66
CA GLN B 254 31.44 18.71 7.49
C GLN B 254 31.40 19.05 6.00
N ALA B 255 30.57 20.03 5.65
CA ALA B 255 30.39 20.39 4.25
C ALA B 255 31.70 20.89 3.65
N LYS B 256 31.99 20.45 2.42
CA LYS B 256 33.23 20.84 1.77
C LYS B 256 33.24 22.31 1.34
N ASP B 257 32.07 22.94 1.20
CA ASP B 257 31.99 24.34 0.80
C ASP B 257 32.28 25.30 1.95
N GLY B 258 32.67 24.80 3.12
CA GLY B 258 32.99 25.66 4.24
C GLY B 258 31.81 26.34 4.89
N SER B 259 30.57 25.97 4.53
CA SER B 259 29.39 26.56 5.15
C SER B 259 29.16 26.07 6.57
N GLY B 260 29.90 25.06 7.03
CA GLY B 260 29.74 24.53 8.36
C GLY B 260 28.59 23.56 8.55
N ALA B 261 27.86 23.22 7.50
CA ALA B 261 26.74 22.30 7.64
C ALA B 261 27.24 20.89 7.92
N ALA B 262 26.51 20.18 8.75
CA ALA B 262 26.80 18.77 9.01
C ALA B 262 26.32 17.95 7.83
N THR B 263 27.13 16.98 7.41
CA THR B 263 26.75 16.13 6.28
C THR B 263 26.46 14.71 6.75
N CYS B 264 25.56 14.04 6.01
N CYS B 264 25.55 14.07 6.04
CA CYS B 264 25.25 12.63 6.20
CA CYS B 264 25.37 12.64 6.16
C CYS B 264 25.31 11.96 4.83
C CYS B 264 25.49 12.05 4.78
N THR B 265 26.02 10.83 4.73
CA THR B 265 26.23 10.16 3.46
C THR B 265 25.29 8.95 3.36
N ILE B 266 24.55 8.87 2.26
CA ILE B 266 23.59 7.77 2.10
C ILE B 266 24.35 6.44 2.07
N PRO B 267 24.08 5.52 2.98
CA PRO B 267 24.90 4.29 3.09
C PRO B 267 24.40 3.21 2.13
N PRO B 268 25.23 2.23 1.81
CA PRO B 268 24.77 1.16 0.92
C PRO B 268 23.76 0.27 1.62
N GLY B 269 22.93 -0.39 0.81
CA GLY B 269 22.00 -1.39 1.30
C GLY B 269 20.60 -0.91 1.53
N VAL B 270 20.39 0.39 1.62
CA VAL B 270 19.05 0.91 1.86
C VAL B 270 18.26 0.88 0.57
N LYS B 271 16.93 0.78 0.72
CA LYS B 271 16.02 0.75 -0.41
C LYS B 271 14.74 1.46 -0.01
N GLY B 272 14.15 2.16 -0.97
CA GLY B 272 12.91 2.89 -0.72
C GLY B 272 13.16 4.29 -0.17
N ILE B 273 12.07 4.90 0.29
N ILE B 273 12.07 4.90 0.31
CA ILE B 273 12.15 6.22 0.88
CA ILE B 273 12.17 6.26 0.84
C ILE B 273 12.99 6.14 2.15
C ILE B 273 12.84 6.25 2.20
N LEU B 274 13.76 7.19 2.41
CA LEU B 274 14.53 7.30 3.63
C LEU B 274 14.08 8.52 4.41
N PHE B 275 14.26 8.44 5.72
CA PHE B 275 14.08 9.59 6.60
C PHE B 275 15.38 9.82 7.35
N ILE B 276 15.84 11.06 7.37
CA ILE B 276 17.12 11.41 7.97
C ILE B 276 16.87 12.32 9.15
N ALA B 277 17.46 12.00 10.30
CA ALA B 277 17.30 12.81 11.50
C ALA B 277 18.65 12.96 12.18
N TRP B 278 18.76 14.01 12.98
CA TRP B 278 19.84 14.11 13.96
C TRP B 278 19.34 13.47 15.25
N VAL B 279 20.17 12.61 15.87
CA VAL B 279 19.80 11.95 17.11
C VAL B 279 20.98 12.05 18.08
N ARG B 280 20.66 11.87 19.36
CA ARG B 280 21.65 11.91 20.43
C ARG B 280 22.36 10.56 20.46
N GLY B 281 23.59 10.53 19.94
CA GLY B 281 24.39 9.31 20.03
C GLY B 281 23.71 8.10 19.43
N ARG B 282 24.01 6.95 20.02
N ARG B 282 24.02 6.94 20.01
CA ARG B 282 23.36 5.67 19.70
CA ARG B 282 23.37 5.67 19.70
C ARG B 282 22.39 5.27 20.81
C ARG B 282 22.40 5.27 20.82
N ASP B 283 21.71 6.26 21.39
CA ASP B 283 20.84 6.00 22.53
C ASP B 283 19.69 5.05 22.17
N VAL B 284 19.31 5.00 20.89
CA VAL B 284 18.13 4.26 20.43
C VAL B 284 18.50 3.45 19.20
N LEU B 285 18.18 2.16 19.21
CA LEU B 285 18.53 1.28 18.09
C LEU B 285 17.54 1.41 16.93
N ASN B 286 16.26 1.58 17.23
CA ASN B 286 15.20 1.58 16.22
C ASN B 286 14.47 2.92 16.33
N VAL B 287 14.97 3.93 15.62
CA VAL B 287 14.45 5.29 15.77
C VAL B 287 13.02 5.40 15.24
N GLY B 288 12.67 4.59 14.24
CA GLY B 288 11.32 4.62 13.70
C GLY B 288 10.22 4.35 14.71
N VAL B 289 10.54 3.71 15.85
CA VAL B 289 9.56 3.42 16.88
C VAL B 289 9.91 4.08 18.21
N ASP B 290 10.92 4.93 18.26
CA ASP B 290 11.34 5.51 19.54
C ASP B 290 12.01 6.84 19.24
N ASP B 291 11.33 7.95 19.52
CA ASP B 291 11.87 9.27 19.24
C ASP B 291 12.57 9.90 20.42
N SER B 292 12.90 9.12 21.46
CA SER B 292 13.45 9.69 22.68
C SER B 292 14.84 10.26 22.51
N SER B 293 15.55 9.95 21.43
CA SER B 293 16.85 10.54 21.16
C SER B 293 16.84 11.53 20.01
N THR B 294 15.67 11.81 19.42
CA THR B 294 15.62 12.65 18.24
C THR B 294 15.84 14.12 18.60
N VAL B 295 16.72 14.77 17.85
CA VAL B 295 17.14 16.15 18.10
C VAL B 295 16.61 17.09 17.02
N CYS B 296 16.67 16.68 15.76
CA CYS B 296 16.22 17.52 14.66
C CYS B 296 15.76 16.59 13.55
N GLY B 297 14.74 17.01 12.82
CA GLY B 297 14.15 16.13 11.82
C GLY B 297 13.25 15.09 12.45
N PRO B 298 12.91 14.04 11.71
CA PRO B 298 13.44 13.69 10.39
C PRO B 298 12.84 14.51 9.28
N ASN B 299 13.51 14.47 8.14
CA ASN B 299 12.95 14.87 6.86
C ASN B 299 13.14 13.73 5.87
N TYR B 300 12.35 13.76 4.80
CA TYR B 300 12.43 12.67 3.83
C TYR B 300 13.58 12.86 2.85
N PHE B 301 14.04 11.73 2.30
CA PHE B 301 15.05 11.73 1.26
C PHE B 301 14.63 10.71 0.21
N LEU B 302 14.49 11.16 -1.04
CA LEU B 302 13.98 10.30 -2.11
C LEU B 302 15.17 9.60 -2.74
N LEU B 303 15.47 8.41 -2.22
CA LEU B 303 16.56 7.59 -2.74
C LEU B 303 16.25 7.16 -4.18
N SER B 304 17.26 7.27 -5.04
CA SER B 304 17.10 6.83 -6.43
C SER B 304 16.70 5.36 -6.48
N ALA B 305 15.87 5.02 -7.46
CA ALA B 305 15.41 3.64 -7.58
C ALA B 305 15.02 3.35 -9.02
N LEU B 306 15.13 2.07 -9.38
CA LEU B 306 14.62 1.59 -10.66
C LEU B 306 13.14 1.95 -10.79
N GLY B 307 12.79 2.67 -11.85
CA GLY B 307 11.46 3.22 -12.01
C GLY B 307 11.44 4.73 -12.06
N ASP B 308 12.49 5.40 -11.56
CA ASP B 308 12.63 6.84 -11.76
C ASP B 308 12.67 7.16 -13.25
N ALA B 309 12.17 8.33 -13.60
CA ALA B 309 12.38 8.84 -14.96
C ALA B 309 13.88 9.00 -15.20
N VAL B 310 14.34 8.60 -16.39
CA VAL B 310 15.78 8.65 -16.66
C VAL B 310 16.15 9.76 -17.65
ZN ZN C . 5.22 -8.87 -2.33
ZN ZN D . 3.29 -8.47 -5.14
C1 EDO E . 11.24 8.47 -18.57
O1 EDO E . 10.04 8.18 -19.30
C2 EDO E . 12.30 7.53 -19.08
O2 EDO E . 11.66 6.30 -19.37
C1 EDO F . -1.71 -18.72 -3.20
O1 EDO F . -0.35 -18.89 -3.63
C2 EDO F . -2.23 -20.00 -2.58
O2 EDO F . -2.07 -19.99 -1.16
C1 EDO G . 0.98 -21.66 -2.74
O1 EDO G . 1.24 -21.27 -4.10
C2 EDO G . 0.20 -22.97 -2.76
O2 EDO G . -1.17 -22.76 -2.43
C1 EDO H . -9.36 -1.55 -10.50
O1 EDO H . -8.84 -2.22 -9.33
C2 EDO H . -8.50 -0.31 -10.66
O2 EDO H . -7.19 -0.68 -10.17
ZN ZN I . -3.05 10.03 1.76
ZN ZN J . -5.54 8.55 3.57
C1 EDO K . -8.83 29.94 -0.40
O1 EDO K . -7.61 29.61 0.26
C2 EDO K . -9.62 28.68 -0.78
O2 EDO K . -8.93 27.93 -1.78
C1 EDO L . -7.36 9.07 -20.91
O1 EDO L . -7.12 10.19 -20.07
C2 EDO L . -6.26 8.04 -20.73
O2 EDO L . -4.97 8.67 -20.90
C1 EDO M . -5.52 26.44 3.64
O1 EDO M . -5.36 27.22 2.46
C2 EDO M . -6.65 25.45 3.39
O2 EDO M . -6.88 24.70 4.58
#